data_6NZ3
#
_entry.id   6NZ3
#
_cell.length_a   88.741
_cell.length_b   51.271
_cell.length_c   85.873
_cell.angle_alpha   90.000
_cell.angle_beta   110.080
_cell.angle_gamma   90.000
#
_symmetry.space_group_name_H-M   'C 1 2 1'
#
loop_
_entity.id
_entity.type
_entity.pdbx_description
1 polymer 'Design construct XAA_GGHN'
2 non-polymer 'CHLORIDE ION'
3 water water
#
_entity_poly.entity_id   1
_entity_poly.type   'polypeptide(L)'
_entity_poly.pdbx_seq_one_letter_code
;GSHMGDLKYSLERLREILERLEENPSEKQIVEAIRAIVENNAQIVEAIRAIVENNAQIVENNRAIIEALEAIGGHNKILE
EMKKQLKDLKRSLERG
;
_entity_poly.pdbx_strand_id   A,B,C
#
loop_
_chem_comp.id
_chem_comp.type
_chem_comp.name
_chem_comp.formula
CL non-polymer 'CHLORIDE ION' 'Cl -1'
#
# COMPACT_ATOMS: atom_id res chain seq x y z
N SER A 2 -4.18 -5.12 14.97
CA SER A 2 -4.80 -4.07 15.77
C SER A 2 -6.01 -3.49 15.04
N HIS A 3 -5.75 -2.81 13.91
CA HIS A 3 -6.84 -2.24 13.14
C HIS A 3 -7.77 -3.32 12.60
N MET A 4 -7.19 -4.37 12.01
CA MET A 4 -8.00 -5.40 11.38
C MET A 4 -8.70 -6.27 12.42
N GLY A 5 -8.01 -6.62 13.50
CA GLY A 5 -8.70 -7.27 14.60
C GLY A 5 -9.83 -6.41 15.14
N ASP A 6 -9.57 -5.11 15.29
CA ASP A 6 -10.62 -4.20 15.72
C ASP A 6 -11.69 -4.06 14.64
N LEU A 7 -11.27 -4.10 13.36
CA LEU A 7 -12.22 -3.93 12.27
C LEU A 7 -13.21 -5.08 12.22
N LYS A 8 -12.70 -6.32 12.21
CA LYS A 8 -13.59 -7.48 12.07
C LYS A 8 -14.42 -7.71 13.31
N TYR A 9 -13.91 -7.32 14.49
CA TYR A 9 -14.74 -7.38 15.70
C TYR A 9 -15.86 -6.36 15.61
N SER A 10 -15.54 -5.12 15.22
CA SER A 10 -16.56 -4.10 15.05
C SER A 10 -17.64 -4.54 14.07
N LEU A 11 -17.26 -5.29 13.03
CA LEU A 11 -18.24 -5.76 12.05
C LEU A 11 -19.08 -6.90 12.62
N GLU A 12 -18.46 -7.80 13.39
CA GLU A 12 -19.23 -8.87 14.01
C GLU A 12 -20.22 -8.33 15.03
N ARG A 13 -19.83 -7.28 15.77
CA ARG A 13 -20.78 -6.60 16.65
C ARG A 13 -21.95 -6.04 15.84
N LEU A 14 -21.64 -5.43 14.69
CA LEU A 14 -22.69 -4.88 13.83
C LEU A 14 -23.58 -5.98 13.27
N ARG A 15 -22.98 -7.13 12.94
CA ARG A 15 -23.79 -8.24 12.43
C ARG A 15 -24.74 -8.77 13.50
N GLU A 16 -24.35 -8.66 14.78
CA GLU A 16 -25.25 -9.07 15.85
C GLU A 16 -26.45 -8.13 15.93
N ILE A 17 -26.19 -6.82 15.98
CA ILE A 17 -27.27 -5.83 16.02
C ILE A 17 -28.23 -6.09 14.87
N LEU A 18 -27.69 -6.33 13.67
CA LEU A 18 -28.54 -6.53 12.50
C LEU A 18 -29.52 -7.68 12.71
N GLU A 19 -29.06 -8.78 13.33
CA GLU A 19 -29.93 -9.93 13.57
C GLU A 19 -31.05 -9.58 14.54
N ARG A 20 -30.69 -8.98 15.68
CA ARG A 20 -31.69 -8.51 16.63
C ARG A 20 -32.67 -7.58 15.94
N LEU A 21 -32.17 -6.71 15.06
CA LEU A 21 -33.04 -5.76 14.37
C LEU A 21 -34.11 -6.49 13.55
N GLU A 22 -33.69 -7.48 12.76
CA GLU A 22 -34.65 -8.27 11.99
C GLU A 22 -35.53 -9.12 12.89
N GLU A 23 -35.00 -9.59 14.03
CA GLU A 23 -35.82 -10.28 15.00
C GLU A 23 -36.81 -9.29 15.59
N ASN A 24 -36.31 -8.17 16.01
CA ASN A 24 -37.17 -7.29 16.77
C ASN A 24 -36.99 -5.85 16.36
N PRO A 25 -37.64 -5.48 15.25
CA PRO A 25 -37.60 -4.12 14.73
C PRO A 25 -38.10 -3.13 15.75
N SER A 26 -37.38 -2.02 15.80
CA SER A 26 -37.62 -0.98 16.80
C SER A 26 -36.90 0.29 16.39
N GLU A 27 -37.49 1.43 16.74
CA GLU A 27 -36.81 2.70 16.53
C GLU A 27 -35.49 2.73 17.30
N LYS A 28 -35.51 2.24 18.54
CA LYS A 28 -34.30 2.20 19.35
C LYS A 28 -33.22 1.35 18.69
N GLN A 29 -33.61 0.19 18.15
CA GLN A 29 -32.63 -0.70 17.53
C GLN A 29 -32.17 -0.18 16.17
N ILE A 30 -33.06 0.48 15.43
CA ILE A 30 -32.65 1.09 14.17
C ILE A 30 -31.59 2.16 14.42
N VAL A 31 -31.83 3.01 15.41
CA VAL A 31 -30.87 4.06 15.75
C VAL A 31 -29.58 3.44 16.27
N GLU A 32 -29.67 2.47 17.16
CA GLU A 32 -28.49 1.79 17.68
C GLU A 32 -27.70 1.12 16.57
N ALA A 33 -28.42 0.58 15.54
CA ALA A 33 -27.73 0.03 14.39
C ALA A 33 -26.97 1.11 13.63
N ILE A 34 -27.58 2.29 13.48
CA ILE A 34 -26.93 3.39 12.78
C ILE A 34 -25.70 3.86 13.55
N ARG A 35 -25.82 3.95 14.88
CA ARG A 35 -24.67 4.34 15.69
C ARG A 35 -23.51 3.37 15.46
N ALA A 36 -23.79 2.06 15.47
CA ALA A 36 -22.73 1.08 15.30
C ALA A 36 -22.11 1.20 13.91
N ILE A 37 -22.92 1.53 12.90
CA ILE A 37 -22.37 1.72 11.55
C ILE A 37 -21.41 2.89 11.54
N VAL A 38 -21.77 3.98 12.23
CA VAL A 38 -20.90 5.16 12.28
C VAL A 38 -19.58 4.81 12.94
N GLU A 39 -19.64 4.16 14.11
CA GLU A 39 -18.43 3.76 14.79
C GLU A 39 -17.57 2.84 13.93
N ASN A 40 -18.21 1.94 13.18
CA ASN A 40 -17.45 1.07 12.28
C ASN A 40 -16.81 1.88 11.16
N ASN A 41 -17.54 2.85 10.60
CA ASN A 41 -16.97 3.70 9.57
C ASN A 41 -15.81 4.53 10.11
N ALA A 42 -15.86 4.92 11.39
CA ALA A 42 -14.74 5.65 11.98
C ALA A 42 -13.49 4.77 12.04
N GLN A 43 -13.67 3.46 12.28
CA GLN A 43 -12.54 2.56 12.29
C GLN A 43 -12.03 2.29 10.89
N ILE A 44 -12.93 2.21 9.91
CA ILE A 44 -12.49 2.05 8.53
C ILE A 44 -11.65 3.25 8.10
N VAL A 45 -12.05 4.45 8.52
CA VAL A 45 -11.31 5.65 8.13
C VAL A 45 -9.95 5.67 8.81
N GLU A 46 -9.88 5.27 10.08
CA GLU A 46 -8.59 5.20 10.76
C GLU A 46 -7.68 4.19 10.09
N ALA A 47 -8.23 3.05 9.66
CA ALA A 47 -7.43 2.03 9.00
C ALA A 47 -6.87 2.56 7.68
N ILE A 48 -7.72 3.21 6.88
CA ILE A 48 -7.26 3.78 5.63
C ILE A 48 -6.19 4.85 5.89
N ARG A 49 -6.36 5.61 6.97
CA ARG A 49 -5.37 6.64 7.29
C ARG A 49 -4.01 6.03 7.57
N ALA A 50 -3.98 4.91 8.30
CA ALA A 50 -2.70 4.24 8.59
C ALA A 50 -2.09 3.67 7.31
N ILE A 51 -2.92 3.15 6.42
CA ILE A 51 -2.40 2.63 5.15
C ILE A 51 -1.75 3.74 4.35
N VAL A 52 -2.40 4.90 4.28
CA VAL A 52 -1.86 6.02 3.50
C VAL A 52 -0.53 6.48 4.08
N GLU A 53 -0.50 6.71 5.40
CA GLU A 53 0.74 7.03 6.09
C GLU A 53 1.82 6.01 5.75
N ASN A 54 1.49 4.72 5.88
CA ASN A 54 2.46 3.66 5.61
C ASN A 54 2.88 3.62 4.15
N ASN A 55 1.99 4.02 3.24
CA ASN A 55 2.31 3.99 1.82
C ASN A 55 3.42 4.96 1.45
N ALA A 56 3.76 5.90 2.32
CA ALA A 56 4.88 6.79 2.05
C ALA A 56 6.18 6.02 1.87
N GLN A 57 6.28 4.82 2.46
CA GLN A 57 7.48 4.01 2.27
C GLN A 57 7.63 3.58 0.82
N ILE A 58 6.53 3.45 0.09
CA ILE A 58 6.61 3.11 -1.33
C ILE A 58 7.41 4.16 -2.08
N VAL A 59 7.22 5.43 -1.73
CA VAL A 59 7.91 6.51 -2.42
C VAL A 59 9.41 6.46 -2.13
N GLU A 60 9.77 6.21 -0.87
CA GLU A 60 11.18 6.21 -0.47
C GLU A 60 11.90 4.95 -0.95
N ASN A 61 11.20 3.82 -1.05
CA ASN A 61 11.78 2.68 -1.72
C ASN A 61 12.12 3.00 -3.17
N ASN A 62 11.20 3.67 -3.87
CA ASN A 62 11.44 4.02 -5.27
C ASN A 62 12.65 4.94 -5.40
N ARG A 63 12.78 5.92 -4.52
CA ARG A 63 13.89 6.85 -4.61
C ARG A 63 15.22 6.14 -4.40
N ALA A 64 15.27 5.23 -3.43
CA ALA A 64 16.51 4.51 -3.16
C ALA A 64 16.85 3.54 -4.27
N ILE A 65 15.84 2.98 -4.94
CA ILE A 65 16.09 2.10 -6.08
C ILE A 65 16.77 2.87 -7.20
N ILE A 66 16.25 4.06 -7.50
CA ILE A 66 16.79 4.85 -8.59
C ILE A 66 18.23 5.28 -8.29
N GLU A 67 18.50 5.61 -7.02
CA GLU A 67 19.88 5.90 -6.62
C GLU A 67 20.77 4.68 -6.82
N ALA A 68 20.29 3.51 -6.40
CA ALA A 68 21.05 2.28 -6.59
C ALA A 68 21.33 2.03 -8.06
N LEU A 69 20.32 2.20 -8.92
CA LEU A 69 20.53 2.03 -10.34
C LEU A 69 21.57 3.01 -10.86
N GLU A 70 21.49 4.27 -10.42
CA GLU A 70 22.49 5.26 -10.81
C GLU A 70 23.89 4.78 -10.45
N ALA A 71 24.07 4.35 -9.19
CA ALA A 71 25.39 3.89 -8.76
C ALA A 71 25.84 2.68 -9.58
N ILE A 72 24.92 1.75 -9.84
CA ILE A 72 25.27 0.56 -10.63
C ILE A 72 25.72 0.98 -12.02
N GLY A 73 25.02 1.93 -12.63
CA GLY A 73 25.43 2.42 -13.93
C GLY A 73 26.80 3.05 -13.91
N GLY A 74 27.11 3.80 -12.83
CA GLY A 74 28.44 4.33 -12.68
C GLY A 74 29.49 3.23 -12.62
N HIS A 75 29.26 2.23 -11.77
CA HIS A 75 30.20 1.12 -11.66
C HIS A 75 30.44 0.47 -13.02
N ASN A 76 29.38 0.28 -13.81
CA ASN A 76 29.53 -0.37 -15.10
C ASN A 76 30.50 0.39 -16.00
N LYS A 77 30.34 1.71 -16.08
CA LYS A 77 31.27 2.51 -16.87
C LYS A 77 32.69 2.36 -16.35
N ILE A 78 32.86 2.36 -15.03
CA ILE A 78 34.19 2.19 -14.44
C ILE A 78 34.76 0.82 -14.78
N LEU A 79 33.91 -0.21 -14.74
CA LEU A 79 34.39 -1.56 -15.02
C LEU A 79 34.85 -1.70 -16.45
N GLU A 80 34.17 -1.03 -17.39
CA GLU A 80 34.57 -1.11 -18.79
C GLU A 80 35.91 -0.42 -19.02
N GLU A 81 36.18 0.66 -18.28
CA GLU A 81 37.50 1.29 -18.36
C GLU A 81 38.58 0.32 -17.90
N MET A 82 38.37 -0.34 -16.76
CA MET A 82 39.41 -1.16 -16.16
C MET A 82 39.73 -2.38 -17.04
N LYS A 83 38.71 -2.96 -17.68
CA LYS A 83 38.95 -4.05 -18.62
C LYS A 83 39.87 -3.58 -19.75
N LYS A 84 39.59 -2.39 -20.29
CA LYS A 84 40.44 -1.83 -21.33
C LYS A 84 41.85 -1.59 -20.81
N GLN A 85 41.97 -1.01 -19.61
CA GLN A 85 43.30 -0.78 -19.03
C GLN A 85 44.08 -2.09 -18.90
N LEU A 86 43.45 -3.10 -18.31
CA LEU A 86 44.14 -4.37 -18.09
C LEU A 86 44.60 -4.99 -19.39
N LYS A 87 43.65 -5.24 -20.32
CA LYS A 87 44.00 -5.86 -21.59
C LYS A 87 45.08 -5.08 -22.31
N ASP A 88 44.90 -3.76 -22.42
CA ASP A 88 45.93 -2.90 -22.98
C ASP A 88 47.25 -3.11 -22.25
N LEU A 89 47.22 -2.99 -20.92
CA LEU A 89 48.45 -3.05 -20.14
C LEU A 89 49.07 -4.44 -20.14
N LYS A 90 48.26 -5.49 -20.18
CA LYS A 90 48.86 -6.83 -20.27
C LYS A 90 49.39 -7.09 -21.68
N ARG A 91 48.59 -6.77 -22.70
CA ARG A 91 49.07 -6.77 -24.08
C ARG A 91 50.38 -6.02 -24.16
N SER A 92 50.52 -4.97 -23.35
CA SER A 92 51.77 -4.25 -23.24
C SER A 92 52.96 -5.17 -23.03
N LEU A 93 52.89 -6.00 -22.00
CA LEU A 93 54.09 -6.59 -21.45
C LEU A 93 54.02 -8.10 -21.36
N HIS B 3 -8.44 12.62 -0.37
CA HIS B 3 -9.53 11.78 0.10
C HIS B 3 -9.60 11.78 1.63
N MET B 4 -8.44 11.70 2.28
CA MET B 4 -8.41 11.61 3.73
C MET B 4 -9.13 12.80 4.37
N GLY B 5 -8.78 14.02 3.97
CA GLY B 5 -9.49 15.19 4.46
C GLY B 5 -10.97 15.11 4.16
N ASP B 6 -11.34 14.71 2.94
CA ASP B 6 -12.75 14.50 2.61
C ASP B 6 -13.33 13.36 3.44
N LEU B 7 -12.55 12.30 3.65
CA LEU B 7 -13.05 11.16 4.41
C LEU B 7 -13.42 11.56 5.82
N LYS B 8 -12.47 12.18 6.55
CA LYS B 8 -12.73 12.53 7.95
C LYS B 8 -13.78 13.62 8.08
N TYR B 9 -13.87 14.53 7.10
CA TYR B 9 -14.96 15.49 7.09
C TYR B 9 -16.29 14.79 6.91
N SER B 10 -16.35 13.83 5.98
CA SER B 10 -17.60 13.12 5.72
C SER B 10 -18.11 12.41 6.96
N LEU B 11 -17.20 11.83 7.76
CA LEU B 11 -17.62 11.15 8.98
C LEU B 11 -18.01 12.16 10.07
N GLU B 12 -17.35 13.32 10.11
CA GLU B 12 -17.75 14.36 11.04
C GLU B 12 -19.17 14.81 10.75
N ARG B 13 -19.47 15.07 9.48
CA ARG B 13 -20.85 15.34 9.07
C ARG B 13 -21.76 14.21 9.54
N LEU B 14 -21.32 12.97 9.35
CA LEU B 14 -22.13 11.82 9.76
C LEU B 14 -22.34 11.80 11.25
N ARG B 15 -21.31 12.15 12.03
CA ARG B 15 -21.45 12.15 13.47
C ARG B 15 -22.45 13.21 13.93
N GLU B 16 -22.55 14.32 13.21
CA GLU B 16 -23.52 15.35 13.56
C GLU B 16 -24.94 14.83 13.38
N ILE B 17 -25.24 14.26 12.21
CA ILE B 17 -26.56 13.69 11.96
C ILE B 17 -26.92 12.69 13.06
N LEU B 18 -25.95 11.84 13.43
CA LEU B 18 -26.21 10.86 14.46
C LEU B 18 -26.67 11.53 15.76
N GLU B 19 -26.04 12.65 16.12
CA GLU B 19 -26.43 13.36 17.33
C GLU B 19 -27.87 13.84 17.23
N ARG B 20 -28.21 14.50 16.13
CA ARG B 20 -29.58 14.93 15.91
C ARG B 20 -30.52 13.74 15.89
N LEU B 21 -30.08 12.62 15.31
CA LEU B 21 -30.93 11.43 15.25
C LEU B 21 -31.31 10.96 16.65
N GLU B 22 -30.31 10.78 17.52
CA GLU B 22 -30.59 10.37 18.89
C GLU B 22 -31.34 11.47 19.66
N GLU B 23 -31.13 12.74 19.28
CA GLU B 23 -31.88 13.82 19.93
C GLU B 23 -33.35 13.80 19.51
N ASN B 24 -33.61 13.79 18.21
CA ASN B 24 -34.96 13.90 17.67
C ASN B 24 -35.18 12.84 16.60
N PRO B 25 -35.36 11.58 17.00
CA PRO B 25 -35.65 10.52 16.01
C PRO B 25 -36.83 10.89 15.13
N SER B 26 -36.75 10.47 13.86
CA SER B 26 -37.69 10.87 12.83
C SER B 26 -37.43 9.99 11.62
N GLU B 27 -38.51 9.63 10.92
CA GLU B 27 -38.33 8.89 9.67
C GLU B 27 -37.45 9.67 8.72
N LYS B 28 -37.66 10.99 8.63
CA LYS B 28 -36.83 11.83 7.75
C LYS B 28 -35.37 11.75 8.15
N GLN B 29 -35.07 11.84 9.45
CA GLN B 29 -33.69 11.86 9.90
C GLN B 29 -33.04 10.49 9.79
N ILE B 30 -33.80 9.42 10.01
CA ILE B 30 -33.26 8.08 9.79
C ILE B 30 -32.85 7.92 8.34
N VAL B 31 -33.74 8.27 7.41
CA VAL B 31 -33.43 8.16 5.99
C VAL B 31 -32.25 9.05 5.63
N GLU B 32 -32.23 10.28 6.18
CA GLU B 32 -31.13 11.20 5.90
C GLU B 32 -29.81 10.67 6.47
N ALA B 33 -29.87 9.99 7.62
CA ALA B 33 -28.68 9.35 8.15
C ALA B 33 -28.21 8.23 7.23
N ILE B 34 -29.15 7.47 6.68
CA ILE B 34 -28.79 6.40 5.76
C ILE B 34 -28.16 6.97 4.49
N ARG B 35 -28.74 8.06 3.96
CA ARG B 35 -28.14 8.68 2.79
C ARG B 35 -26.70 9.09 3.07
N ALA B 36 -26.45 9.72 4.22
CA ALA B 36 -25.11 10.17 4.55
C ALA B 36 -24.14 8.99 4.67
N ILE B 37 -24.62 7.87 5.19
CA ILE B 37 -23.77 6.67 5.26
C ILE B 37 -23.39 6.22 3.86
N VAL B 38 -24.36 6.19 2.95
CA VAL B 38 -24.08 5.78 1.57
C VAL B 38 -23.02 6.69 0.97
N GLU B 39 -23.20 8.00 1.09
CA GLU B 39 -22.23 8.94 0.53
C GLU B 39 -20.86 8.74 1.18
N ASN B 40 -20.82 8.45 2.48
CA ASN B 40 -19.55 8.17 3.13
C ASN B 40 -18.92 6.91 2.56
N ASN B 41 -19.72 5.84 2.41
CA ASN B 41 -19.21 4.61 1.82
C ASN B 41 -18.70 4.83 0.40
N ALA B 42 -19.33 5.75 -0.34
CA ALA B 42 -18.85 6.03 -1.70
C ALA B 42 -17.48 6.67 -1.68
N GLN B 43 -17.17 7.45 -0.65
CA GLN B 43 -15.85 8.03 -0.52
C GLN B 43 -14.83 7.00 -0.03
N ILE B 44 -15.24 6.13 0.90
CA ILE B 44 -14.36 5.06 1.35
C ILE B 44 -13.95 4.20 0.17
N VAL B 45 -14.89 3.89 -0.72
CA VAL B 45 -14.57 3.04 -1.87
C VAL B 45 -13.64 3.77 -2.83
N GLU B 46 -13.84 5.07 -3.03
CA GLU B 46 -12.94 5.83 -3.88
C GLU B 46 -11.53 5.88 -3.30
N ALA B 47 -11.43 6.03 -1.98
CA ALA B 47 -10.10 6.05 -1.35
C ALA B 47 -9.41 4.71 -1.51
N ILE B 48 -10.14 3.61 -1.31
CA ILE B 48 -9.57 2.29 -1.52
C ILE B 48 -9.15 2.11 -2.97
N ARG B 49 -9.90 2.69 -3.91
CA ARG B 49 -9.56 2.57 -5.33
C ARG B 49 -8.25 3.27 -5.64
N ALA B 50 -8.03 4.45 -5.05
CA ALA B 50 -6.76 5.16 -5.26
C ALA B 50 -5.60 4.40 -4.64
N ILE B 51 -5.83 3.76 -3.49
CA ILE B 51 -4.78 2.99 -2.86
C ILE B 51 -4.37 1.82 -3.75
N VAL B 52 -5.36 1.09 -4.28
CA VAL B 52 -5.06 -0.05 -5.14
C VAL B 52 -4.28 0.40 -6.37
N GLU B 53 -4.78 1.43 -7.04
CA GLU B 53 -4.05 2.04 -8.16
C GLU B 53 -2.63 2.39 -7.75
N ASN B 54 -2.46 3.10 -6.65
CA ASN B 54 -1.14 3.51 -6.19
C ASN B 54 -0.26 2.31 -5.84
N ASN B 55 -0.86 1.24 -5.34
CA ASN B 55 -0.08 0.07 -4.93
C ASN B 55 0.59 -0.64 -6.11
N ALA B 56 0.21 -0.34 -7.35
CA ALA B 56 0.92 -0.88 -8.49
C ALA B 56 2.39 -0.52 -8.46
N GLN B 57 2.75 0.58 -7.79
CA GLN B 57 4.14 0.97 -7.66
C GLN B 57 4.93 -0.04 -6.84
N ILE B 58 4.28 -0.75 -5.92
CA ILE B 58 4.97 -1.77 -5.14
C ILE B 58 5.55 -2.84 -6.06
N VAL B 59 4.79 -3.24 -7.08
CA VAL B 59 5.23 -4.32 -7.95
C VAL B 59 6.38 -3.86 -8.84
N GLU B 60 6.34 -2.61 -9.30
CA GLU B 60 7.41 -2.10 -10.15
C GLU B 60 8.69 -1.86 -9.34
N ASN B 61 8.55 -1.44 -8.07
CA ASN B 61 9.72 -1.38 -7.20
C ASN B 61 10.36 -2.75 -7.06
N ASN B 62 9.55 -3.80 -6.90
CA ASN B 62 10.09 -5.13 -6.76
C ASN B 62 10.84 -5.55 -8.02
N ARG B 63 10.28 -5.28 -9.19
CA ARG B 63 10.93 -5.66 -10.44
C ARG B 63 12.28 -4.97 -10.58
N ALA B 64 12.33 -3.66 -10.30
CA ALA B 64 13.57 -2.92 -10.42
C ALA B 64 14.60 -3.42 -9.41
N ILE B 65 14.16 -3.77 -8.21
CA ILE B 65 15.07 -4.34 -7.23
C ILE B 65 15.71 -5.61 -7.78
N ILE B 66 14.87 -6.52 -8.31
CA ILE B 66 15.36 -7.77 -8.84
C ILE B 66 16.38 -7.53 -9.95
N GLU B 67 16.11 -6.57 -10.83
CA GLU B 67 17.07 -6.22 -11.86
C GLU B 67 18.36 -5.71 -11.25
N ALA B 68 18.26 -4.80 -10.27
CA ALA B 68 19.44 -4.29 -9.60
C ALA B 68 20.26 -5.41 -8.99
N LEU B 69 19.60 -6.36 -8.33
CA LEU B 69 20.32 -7.49 -7.76
C LEU B 69 21.02 -8.31 -8.84
N GLU B 70 20.34 -8.51 -9.98
CA GLU B 70 20.96 -9.22 -11.09
C GLU B 70 22.24 -8.52 -11.55
N ALA B 71 22.17 -7.20 -11.74
CA ALA B 71 23.35 -6.46 -12.18
C ALA B 71 24.46 -6.53 -11.14
N ILE B 72 24.12 -6.44 -9.86
CA ILE B 72 25.14 -6.50 -8.82
C ILE B 72 25.84 -7.85 -8.84
N GLY B 73 25.06 -8.93 -9.04
CA GLY B 73 25.67 -10.25 -9.17
C GLY B 73 26.56 -10.35 -10.39
N GLY B 74 26.17 -9.70 -11.48
CA GLY B 74 27.03 -9.64 -12.63
C GLY B 74 28.33 -8.93 -12.35
N HIS B 75 28.25 -7.75 -11.73
CA HIS B 75 29.46 -7.02 -11.37
C HIS B 75 30.34 -7.84 -10.45
N ASN B 76 29.74 -8.61 -9.55
CA ASN B 76 30.52 -9.38 -8.58
C ASN B 76 31.43 -10.39 -9.27
N LYS B 77 30.88 -11.17 -10.20
CA LYS B 77 31.70 -12.13 -10.92
C LYS B 77 32.80 -11.44 -11.70
N ILE B 78 32.51 -10.27 -12.26
CA ILE B 78 33.52 -9.52 -13.00
C ILE B 78 34.66 -9.12 -12.08
N LEU B 79 34.33 -8.70 -10.85
CA LEU B 79 35.36 -8.18 -9.95
C LEU B 79 36.29 -9.29 -9.48
N GLU B 80 35.76 -10.50 -9.27
CA GLU B 80 36.59 -11.60 -8.80
C GLU B 80 37.55 -12.08 -9.87
N GLU B 81 37.15 -12.01 -11.14
CA GLU B 81 38.08 -12.32 -12.22
C GLU B 81 39.15 -11.24 -12.33
N MET B 82 38.76 -9.97 -12.12
CA MET B 82 39.72 -8.88 -12.24
C MET B 82 40.82 -8.97 -11.18
N LYS B 83 40.44 -9.31 -9.93
CA LYS B 83 41.41 -9.52 -8.86
C LYS B 83 42.39 -10.63 -9.22
N LYS B 84 41.87 -11.66 -9.90
CA LYS B 84 42.72 -12.76 -10.37
C LYS B 84 43.76 -12.25 -11.34
N GLN B 85 43.34 -11.52 -12.38
CA GLN B 85 44.29 -11.05 -13.39
C GLN B 85 45.32 -10.10 -12.79
N LEU B 86 44.88 -9.18 -11.92
CA LEU B 86 45.81 -8.27 -11.26
C LEU B 86 46.82 -9.04 -10.41
N LYS B 87 46.33 -9.89 -9.52
CA LYS B 87 47.21 -10.70 -8.68
C LYS B 87 48.19 -11.50 -9.54
N ASP B 88 47.66 -12.20 -10.54
CA ASP B 88 48.53 -13.00 -11.41
C ASP B 88 49.49 -12.12 -12.19
N LEU B 89 49.01 -10.98 -12.70
CA LEU B 89 49.88 -10.11 -13.48
C LEU B 89 50.98 -9.52 -12.62
N LYS B 90 50.65 -9.08 -11.40
CA LYS B 90 51.70 -8.58 -10.51
C LYS B 90 52.68 -9.69 -10.16
N ARG B 91 52.17 -10.89 -9.90
CA ARG B 91 53.04 -12.03 -9.66
C ARG B 91 53.82 -12.41 -10.91
N SER B 92 53.28 -12.10 -12.09
CA SER B 92 53.98 -12.35 -13.34
C SER B 92 55.42 -11.86 -13.28
N LEU B 93 55.61 -10.62 -12.82
CA LEU B 93 56.92 -9.98 -12.85
C LEU B 93 57.73 -10.32 -11.61
N SER C 2 -11.49 -7.64 -8.70
CA SER C 2 -12.37 -8.55 -7.98
C SER C 2 -12.97 -7.85 -6.77
N HIS C 3 -12.12 -7.50 -5.80
CA HIS C 3 -12.58 -6.79 -4.62
C HIS C 3 -13.24 -5.48 -5.00
N MET C 4 -12.50 -4.60 -5.70
CA MET C 4 -13.00 -3.26 -6.01
C MET C 4 -14.11 -3.31 -7.06
N GLY C 5 -14.09 -4.30 -7.94
CA GLY C 5 -15.25 -4.53 -8.80
C GLY C 5 -16.47 -4.89 -7.98
N ASP C 6 -16.30 -5.82 -7.03
CA ASP C 6 -17.39 -6.13 -6.10
C ASP C 6 -17.77 -4.92 -5.28
N LEU C 7 -16.78 -4.13 -4.86
CA LEU C 7 -17.04 -2.97 -4.01
C LEU C 7 -18.00 -2.01 -4.68
N LYS C 8 -17.71 -1.60 -5.92
CA LYS C 8 -18.53 -0.59 -6.58
C LYS C 8 -19.89 -1.14 -6.98
N TYR C 9 -19.98 -2.44 -7.28
CA TYR C 9 -21.28 -3.05 -7.50
C TYR C 9 -22.10 -3.01 -6.23
N SER C 10 -21.50 -3.39 -5.10
CA SER C 10 -22.22 -3.39 -3.84
C SER C 10 -22.75 -2.00 -3.50
N LEU C 11 -21.97 -0.96 -3.75
CA LEU C 11 -22.46 0.39 -3.52
C LEU C 11 -23.52 0.80 -4.54
N GLU C 12 -23.41 0.31 -5.78
CA GLU C 12 -24.46 0.54 -6.76
C GLU C 12 -25.78 -0.07 -6.29
N ARG C 13 -25.72 -1.31 -5.79
CA ARG C 13 -26.90 -1.93 -5.21
C ARG C 13 -27.46 -1.08 -4.08
N LEU C 14 -26.57 -0.58 -3.21
CA LEU C 14 -26.99 0.23 -2.07
C LEU C 14 -27.58 1.56 -2.51
N ARG C 15 -27.06 2.14 -3.59
CA ARG C 15 -27.60 3.40 -4.08
C ARG C 15 -29.04 3.23 -4.57
N GLU C 16 -29.36 2.08 -5.16
CA GLU C 16 -30.73 1.85 -5.65
C GLU C 16 -31.69 1.64 -4.49
N ILE C 17 -31.28 0.85 -3.49
CA ILE C 17 -32.09 0.70 -2.28
C ILE C 17 -32.41 2.07 -1.71
N LEU C 18 -31.39 2.92 -1.59
CA LEU C 18 -31.61 4.27 -1.07
C LEU C 18 -32.66 5.00 -1.88
N GLU C 19 -32.64 4.84 -3.21
CA GLU C 19 -33.64 5.50 -4.04
C GLU C 19 -35.05 5.03 -3.68
N ARG C 20 -35.24 3.71 -3.61
CA ARG C 20 -36.54 3.18 -3.23
C ARG C 20 -36.93 3.64 -1.82
N LEU C 21 -35.94 3.74 -0.92
CA LEU C 21 -36.24 4.15 0.45
C LEU C 21 -36.84 5.54 0.48
N GLU C 22 -36.19 6.51 -0.17
CA GLU C 22 -36.73 7.86 -0.21
C GLU C 22 -38.05 7.92 -0.96
N GLU C 23 -38.21 7.10 -2.00
CA GLU C 23 -39.48 7.04 -2.71
C GLU C 23 -40.58 6.49 -1.83
N ASN C 24 -40.35 5.32 -1.23
CA ASN C 24 -41.38 4.61 -0.46
C ASN C 24 -40.81 4.17 0.88
N PRO C 25 -40.62 5.10 1.81
CA PRO C 25 -40.10 4.73 3.13
C PRO C 25 -40.98 3.67 3.80
N SER C 26 -40.33 2.79 4.55
CA SER C 26 -41.01 1.70 5.24
C SER C 26 -40.00 1.03 6.16
N GLU C 27 -40.50 0.46 7.26
CA GLU C 27 -39.63 -0.27 8.17
C GLU C 27 -38.88 -1.37 7.45
N LYS C 28 -39.57 -2.12 6.58
CA LYS C 28 -38.91 -3.20 5.85
C LYS C 28 -37.75 -2.67 5.01
N GLN C 29 -37.95 -1.53 4.35
CA GLN C 29 -36.90 -0.97 3.49
C GLN C 29 -35.78 -0.33 4.29
N ILE C 30 -36.09 0.29 5.43
CA ILE C 30 -35.03 0.81 6.28
C ILE C 30 -34.13 -0.33 6.76
N VAL C 31 -34.75 -1.40 7.26
CA VAL C 31 -33.97 -2.55 7.71
C VAL C 31 -33.20 -3.16 6.54
N GLU C 32 -33.84 -3.28 5.38
CA GLU C 32 -33.17 -3.81 4.20
C GLU C 32 -32.00 -2.93 3.79
N ALA C 33 -32.15 -1.61 3.92
CA ALA C 33 -31.03 -0.72 3.64
C ALA C 33 -29.90 -0.95 4.62
N ILE C 34 -30.22 -1.15 5.90
CA ILE C 34 -29.19 -1.37 6.91
C ILE C 34 -28.45 -2.67 6.63
N ARG C 35 -29.19 -3.72 6.27
CA ARG C 35 -28.54 -4.98 5.92
C ARG C 35 -27.56 -4.78 4.78
N ALA C 36 -27.97 -4.05 3.74
CA ALA C 36 -27.10 -3.81 2.60
C ALA C 36 -25.86 -3.04 3.01
N ILE C 37 -26.00 -2.12 3.96
CA ILE C 37 -24.84 -1.38 4.45
C ILE C 37 -23.86 -2.32 5.14
N VAL C 38 -24.39 -3.23 5.97
CA VAL C 38 -23.52 -4.17 6.67
C VAL C 38 -22.74 -5.01 5.67
N GLU C 39 -23.44 -5.58 4.68
CA GLU C 39 -22.77 -6.40 3.68
C GLU C 39 -21.72 -5.60 2.92
N ASN C 40 -22.00 -4.32 2.65
CA ASN C 40 -21.00 -3.48 1.99
C ASN C 40 -19.80 -3.24 2.90
N ASN C 41 -20.05 -2.96 4.18
CA ASN C 41 -18.94 -2.79 5.12
C ASN C 41 -18.10 -4.05 5.22
N ALA C 42 -18.73 -5.22 5.18
CA ALA C 42 -17.99 -6.47 5.21
C ALA C 42 -17.05 -6.60 4.02
N GLN C 43 -17.44 -6.06 2.88
CA GLN C 43 -16.57 -6.08 1.71
C GLN C 43 -15.47 -5.04 1.81
N ILE C 44 -15.79 -3.86 2.35
CA ILE C 44 -14.75 -2.85 2.59
C ILE C 44 -13.68 -3.43 3.49
N VAL C 45 -14.09 -4.17 4.52
CA VAL C 45 -13.13 -4.73 5.48
C VAL C 45 -12.29 -5.81 4.81
N GLU C 46 -12.90 -6.63 3.96
CA GLU C 46 -12.13 -7.64 3.25
C GLU C 46 -11.14 -7.00 2.29
N ALA C 47 -11.53 -5.89 1.65
CA ALA C 47 -10.62 -5.20 0.75
C ALA C 47 -9.43 -4.62 1.51
N ILE C 48 -9.68 -3.99 2.65
CA ILE C 48 -8.60 -3.47 3.47
C ILE C 48 -7.69 -4.59 3.94
N ARG C 49 -8.27 -5.75 4.25
CA ARG C 49 -7.46 -6.87 4.72
C ARG C 49 -6.48 -7.31 3.63
N ALA C 50 -6.95 -7.38 2.39
CA ALA C 50 -6.06 -7.74 1.29
C ALA C 50 -4.97 -6.69 1.09
N ILE C 51 -5.32 -5.42 1.22
CA ILE C 51 -4.34 -4.35 1.09
C ILE C 51 -3.24 -4.51 2.13
N VAL C 52 -3.63 -4.76 3.38
CA VAL C 52 -2.66 -4.90 4.46
C VAL C 52 -1.76 -6.10 4.20
N GLU C 53 -2.36 -7.25 3.91
CA GLU C 53 -1.60 -8.42 3.49
C GLU C 53 -0.62 -8.07 2.38
N ASN C 54 -1.12 -7.41 1.34
CA ASN C 54 -0.29 -7.06 0.19
C ASN C 54 0.81 -6.08 0.57
N ASN C 55 0.58 -5.21 1.56
CA ASN C 55 1.55 -4.20 1.92
C ASN C 55 2.81 -4.80 2.55
N ALA C 56 2.76 -6.07 2.98
CA ALA C 56 3.96 -6.72 3.46
C ALA C 56 5.07 -6.71 2.42
N GLN C 57 4.72 -6.61 1.14
CA GLN C 57 5.72 -6.54 0.09
C GLN C 57 6.53 -5.24 0.18
N ILE C 58 5.93 -4.18 0.74
CA ILE C 58 6.67 -2.93 0.93
C ILE C 58 7.86 -3.16 1.85
N VAL C 59 7.66 -3.98 2.90
CA VAL C 59 8.73 -4.23 3.85
C VAL C 59 9.84 -5.06 3.21
N GLU C 60 9.47 -6.06 2.40
CA GLU C 60 10.47 -6.90 1.77
C GLU C 60 11.23 -6.16 0.68
N ASN C 61 10.56 -5.24 -0.01
CA ASN C 61 11.27 -4.37 -0.96
C ASN C 61 12.31 -3.53 -0.24
N ASN C 62 11.96 -2.98 0.92
CA ASN C 62 12.89 -2.14 1.66
C ASN C 62 14.12 -2.94 2.09
N ARG C 63 13.92 -4.15 2.61
CA ARG C 63 15.04 -4.96 3.06
C ARG C 63 15.98 -5.28 1.91
N ALA C 64 15.42 -5.62 0.74
CA ALA C 64 16.26 -5.96 -0.41
C ALA C 64 17.02 -4.75 -0.91
N ILE C 65 16.41 -3.57 -0.86
CA ILE C 65 17.10 -2.35 -1.26
C ILE C 65 18.31 -2.11 -0.36
N ILE C 66 18.10 -2.25 0.96
CA ILE C 66 19.19 -2.03 1.91
C ILE C 66 20.32 -3.00 1.64
N GLU C 67 20.00 -4.26 1.33
CA GLU C 67 21.04 -5.21 0.96
C GLU C 67 21.75 -4.78 -0.31
N ALA C 68 20.99 -4.39 -1.34
CA ALA C 68 21.58 -3.92 -2.58
C ALA C 68 22.55 -2.77 -2.33
N LEU C 69 22.12 -1.80 -1.51
CA LEU C 69 22.99 -0.67 -1.20
C LEU C 69 24.25 -1.13 -0.47
N GLU C 70 24.11 -2.05 0.48
CA GLU C 70 25.28 -2.61 1.17
C GLU C 70 26.27 -3.19 0.17
N ALA C 71 25.78 -3.99 -0.78
CA ALA C 71 26.66 -4.59 -1.77
C ALA C 71 27.32 -3.53 -2.64
N ILE C 72 26.55 -2.52 -3.06
CA ILE C 72 27.11 -1.47 -3.89
C ILE C 72 28.24 -0.75 -3.16
N GLY C 73 28.06 -0.50 -1.86
CA GLY C 73 29.13 0.11 -1.09
C GLY C 73 30.34 -0.79 -0.96
N GLY C 74 30.13 -2.10 -0.90
CA GLY C 74 31.25 -3.02 -0.92
C GLY C 74 32.01 -2.96 -2.22
N HIS C 75 31.29 -3.00 -3.34
CA HIS C 75 31.93 -2.88 -4.65
C HIS C 75 32.71 -1.58 -4.75
N ASN C 76 32.16 -0.48 -4.22
CA ASN C 76 32.79 0.81 -4.36
C ASN C 76 34.21 0.82 -3.77
N LYS C 77 34.36 0.29 -2.56
CA LYS C 77 35.67 0.25 -1.91
C LYS C 77 36.63 -0.63 -2.69
N ILE C 78 36.13 -1.75 -3.22
CA ILE C 78 36.97 -2.63 -4.04
C ILE C 78 37.48 -1.88 -5.25
N LEU C 79 36.60 -1.14 -5.93
CA LEU C 79 36.99 -0.45 -7.15
C LEU C 79 38.08 0.58 -6.88
N GLU C 80 37.99 1.29 -5.75
CA GLU C 80 39.01 2.27 -5.41
C GLU C 80 40.35 1.60 -5.10
N GLU C 81 40.33 0.42 -4.46
CA GLU C 81 41.55 -0.36 -4.30
C GLU C 81 42.13 -0.75 -5.66
N MET C 82 41.27 -1.25 -6.56
CA MET C 82 41.74 -1.63 -7.89
C MET C 82 42.26 -0.43 -8.65
N LYS C 83 41.62 0.73 -8.49
CA LYS C 83 42.09 1.94 -9.14
C LYS C 83 43.54 2.21 -8.79
N LYS C 84 43.90 2.11 -7.51
CA LYS C 84 45.26 2.44 -7.09
C LYS C 84 46.25 1.35 -7.52
N GLN C 85 45.84 0.09 -7.44
CA GLN C 85 46.70 -1.00 -7.88
C GLN C 85 47.15 -0.78 -9.32
N LEU C 86 46.19 -0.50 -10.21
CA LEU C 86 46.52 -0.34 -11.62
C LEU C 86 47.46 0.84 -11.83
N LYS C 87 47.05 2.03 -11.37
CA LYS C 87 47.85 3.23 -11.59
C LYS C 87 49.28 3.03 -11.10
N ASP C 88 49.45 2.55 -9.87
CA ASP C 88 50.78 2.31 -9.34
C ASP C 88 51.50 1.23 -10.12
N LEU C 89 50.76 0.23 -10.61
CA LEU C 89 51.39 -0.83 -11.38
C LEU C 89 51.79 -0.37 -12.76
N LYS C 90 51.07 0.59 -13.33
CA LYS C 90 51.49 1.13 -14.63
C LYS C 90 52.57 2.19 -14.45
N ARG C 91 52.45 3.01 -13.41
CA ARG C 91 53.57 3.88 -13.03
C ARG C 91 54.80 3.06 -12.68
N SER C 92 54.57 1.89 -12.11
CA SER C 92 55.63 0.92 -11.81
C SER C 92 56.72 0.85 -12.87
N LEU C 93 56.33 0.61 -14.11
CA LEU C 93 57.26 0.15 -15.12
C LEU C 93 57.80 1.29 -15.97
CL CL D . 7.46 -0.70 -2.27
#